data_3EMW
#
_entry.id   3EMW
#
_cell.length_a   34.470
_cell.length_b   61.963
_cell.length_c   118.581
_cell.angle_alpha   90.00
_cell.angle_beta   90.00
_cell.angle_gamma   90.00
#
_symmetry.space_group_name_H-M   'P 21 21 21'
#
loop_
_entity.id
_entity.type
_entity.pdbx_description
1 polymer 'SPRY domain-containing SOCS box protein 2'
2 polymer 'Peptide (VASA)'
3 non-polymer 1,2-ETHANEDIOL
4 water water
#
loop_
_entity_poly.entity_id
_entity_poly.type
_entity_poly.pdbx_seq_one_letter_code
_entity_poly.pdbx_strand_id
1 'polypeptide(L)'
;MHHHHHHSSGVDLGTENLYFQSMPEGLEELLSAPPPDLGAQRRHGWNPKDCSENIEVKEGGLYFERRPVAQSTDGARGKR
GYSRGLHAWEISWPLEQRGTHAVVGVATALAPLQTDHYAALLGSNSESWGWDIGRGKLYHQSKGPGAPQYPAGTQGEQLE
VPERLLVVLDMEEGTLGYAIGGTYLGPAFRGLKGRTLYPAVSAVWGQCQVRIRYLGE
;
A
2 'polypeptide(L)' DINNNNNIVEDVERKREFYI B
#
# COMPACT_ATOMS: atom_id res chain seq x y z
N LEU A 18 16.66 -0.08 15.68
CA LEU A 18 16.97 -0.29 14.27
C LEU A 18 16.51 -1.65 13.76
N TYR A 19 16.57 -1.84 12.44
CA TYR A 19 15.45 -2.23 11.59
C TYR A 19 14.84 -3.56 11.93
N PHE A 20 15.58 -4.63 11.72
CA PHE A 20 15.01 -5.96 11.62
C PHE A 20 14.93 -6.59 12.98
N GLN A 21 15.67 -5.99 13.88
CA GLN A 21 15.46 -6.24 15.27
C GLN A 21 13.99 -5.98 15.60
N SER A 22 13.25 -5.19 14.80
CA SER A 22 11.86 -4.84 15.15
C SER A 22 10.75 -5.57 14.41
N MET A 23 11.07 -6.60 13.62
CA MET A 23 10.07 -7.33 12.82
C MET A 23 8.98 -7.88 13.72
N PRO A 24 7.74 -7.94 13.21
CA PRO A 24 6.71 -8.69 13.95
C PRO A 24 7.14 -10.10 14.30
N GLU A 25 6.59 -10.64 15.39
CA GLU A 25 6.78 -12.06 15.70
C GLU A 25 6.24 -12.90 14.54
N GLY A 26 7.03 -13.90 14.14
CA GLY A 26 6.59 -14.88 13.13
C GLY A 26 6.84 -14.48 11.69
N LEU A 27 7.40 -13.30 11.48
CA LEU A 27 7.54 -12.79 10.13
C LEU A 27 8.52 -13.65 9.33
N GLU A 28 9.70 -13.95 9.89
CA GLU A 28 10.67 -14.84 9.14
C GLU A 28 10.03 -16.17 8.69
N GLU A 29 9.26 -16.75 9.62
CA GLU A 29 8.58 -18.02 9.38
C GLU A 29 7.51 -17.93 8.29
N LEU A 30 6.74 -16.86 8.37
CA LEU A 30 5.67 -16.60 7.40
C LEU A 30 6.27 -16.58 6.00
N LEU A 31 7.39 -15.88 5.87
CA LEU A 31 8.03 -15.63 4.57
C LEU A 31 8.77 -16.86 4.05
N SER A 32 9.28 -17.67 4.98
CA SER A 32 10.01 -18.90 4.64
C SER A 32 9.11 -20.05 4.25
N ALA A 33 7.83 -19.97 4.60
CA ALA A 33 6.91 -21.07 4.32
C ALA A 33 6.57 -21.06 2.82
N PRO A 34 5.98 -22.17 2.32
CA PRO A 34 5.55 -22.17 0.92
C PRO A 34 4.44 -21.12 0.71
N PRO A 35 4.63 -20.22 -0.27
CA PRO A 35 3.65 -19.13 -0.38
C PRO A 35 2.25 -19.62 -0.74
N PRO A 36 1.22 -18.85 -0.35
CA PRO A 36 -0.16 -19.11 -0.72
C PRO A 36 -0.24 -19.42 -2.22
N ASP A 37 -1.12 -20.33 -2.61
CA ASP A 37 -1.31 -20.57 -4.04
C ASP A 37 -2.07 -19.38 -4.68
N LEU A 38 -2.31 -19.45 -5.99
CA LEU A 38 -2.93 -18.31 -6.66
C LEU A 38 -4.36 -18.13 -6.16
N GLY A 39 -4.98 -19.22 -5.69
CA GLY A 39 -6.31 -19.11 -5.11
C GLY A 39 -6.35 -18.19 -3.88
N ALA A 40 -5.41 -18.41 -2.96
CA ALA A 40 -5.25 -17.60 -1.77
C ALA A 40 -4.88 -16.18 -2.12
N GLN A 41 -3.99 -16.01 -3.10
CA GLN A 41 -3.63 -14.68 -3.59
C GLN A 41 -4.83 -13.91 -4.15
N ARG A 42 -5.70 -14.60 -4.90
CA ARG A 42 -6.89 -13.96 -5.42
C ARG A 42 -7.89 -13.60 -4.27
N ARG A 43 -8.01 -14.46 -3.26
CA ARG A 43 -9.01 -14.23 -2.21
C ARG A 43 -8.62 -13.02 -1.35
N HIS A 44 -7.33 -12.75 -1.30
CA HIS A 44 -6.79 -11.60 -0.55
C HIS A 44 -6.37 -10.43 -1.45
N GLY A 45 -6.67 -10.55 -2.76
CA GLY A 45 -6.24 -9.58 -3.76
C GLY A 45 -7.20 -8.42 -3.87
N TRP A 46 -6.99 -7.59 -4.90
CA TRP A 46 -7.83 -6.42 -5.17
C TRP A 46 -9.30 -6.78 -5.34
N ASN A 47 -10.17 -5.95 -4.76
CA ASN A 47 -11.63 -6.23 -4.78
C ASN A 47 -12.27 -5.45 -5.94
N PRO A 48 -12.74 -6.15 -6.99
CA PRO A 48 -13.43 -5.42 -8.09
C PRO A 48 -14.67 -4.66 -7.59
N LYS A 49 -15.24 -5.11 -6.47
CA LYS A 49 -16.39 -4.48 -5.83
C LYS A 49 -16.04 -3.39 -4.83
N ASP A 50 -14.75 -3.08 -4.67
CA ASP A 50 -14.27 -2.09 -3.71
C ASP A 50 -13.01 -1.33 -4.21
N CYS A 51 -13.20 -0.65 -5.36
CA CYS A 51 -12.16 0.14 -6.02
C CYS A 51 -12.76 1.30 -6.80
N SER A 52 -11.91 2.24 -7.21
CA SER A 52 -12.35 3.37 -7.99
C SER A 52 -13.05 2.91 -9.24
N GLU A 53 -14.02 3.71 -9.69
CA GLU A 53 -14.71 3.42 -10.95
C GLU A 53 -13.77 3.49 -12.17
N ASN A 54 -12.58 4.06 -11.99
CA ASN A 54 -11.56 4.18 -13.03
C ASN A 54 -10.51 3.07 -13.00
N ILE A 55 -10.68 2.10 -12.11
CA ILE A 55 -9.76 0.99 -11.99
C ILE A 55 -10.42 -0.31 -12.43
N GLU A 56 -9.67 -1.11 -13.18
CA GLU A 56 -10.14 -2.44 -13.59
C GLU A 56 -9.28 -3.47 -12.89
N VAL A 57 -9.91 -4.31 -12.08
CA VAL A 57 -9.19 -5.43 -11.43
C VAL A 57 -9.06 -6.56 -12.44
N LYS A 58 -7.85 -7.14 -12.50
CA LYS A 58 -7.50 -8.18 -13.44
C LYS A 58 -7.10 -9.45 -12.73
N GLU A 59 -7.13 -10.54 -13.48
CA GLU A 59 -6.74 -11.84 -12.96
C GLU A 59 -7.39 -12.18 -11.63
N GLY A 60 -8.66 -11.81 -11.47
CA GLY A 60 -9.39 -12.09 -10.23
C GLY A 60 -8.83 -11.51 -8.94
N GLY A 61 -8.08 -10.42 -9.02
CA GLY A 61 -7.51 -9.79 -7.80
C GLY A 61 -6.01 -9.62 -7.76
N LEU A 62 -5.27 -10.30 -8.63
CA LEU A 62 -3.81 -10.31 -8.53
C LEU A 62 -3.23 -8.95 -8.91
N TYR A 63 -3.91 -8.25 -9.81
CA TYR A 63 -3.46 -6.87 -10.14
C TYR A 63 -4.59 -6.00 -10.60
N PHE A 64 -4.36 -4.69 -10.68
CA PHE A 64 -5.35 -3.78 -11.29
C PHE A 64 -4.65 -2.90 -12.29
N GLU A 65 -5.43 -2.38 -13.23
CA GLU A 65 -4.99 -1.36 -14.17
C GLU A 65 -5.90 -0.15 -14.03
N ARG A 66 -5.26 1.01 -13.85
CA ARG A 66 -5.96 2.29 -13.79
C ARG A 66 -6.09 2.91 -15.18
N ARG A 67 -7.34 3.16 -15.59
CA ARG A 67 -7.61 3.86 -16.84
C ARG A 67 -6.97 5.26 -16.85
N PRO A 68 -6.58 5.74 -18.05
CA PRO A 68 -5.89 7.03 -18.22
C PRO A 68 -6.82 8.27 -18.13
N VAL A 69 -7.51 8.42 -17.00
CA VAL A 69 -8.48 9.51 -16.77
C VAL A 69 -7.71 10.68 -16.14
N ALA A 70 -7.79 11.85 -16.75
CA ALA A 70 -7.05 13.01 -16.27
C ALA A 70 -7.70 13.54 -15.01
N GLN A 71 -6.91 14.15 -14.16
CA GLN A 71 -7.38 14.85 -12.97
C GLN A 71 -8.19 13.93 -12.09
N SER A 72 -7.55 12.82 -11.72
CA SER A 72 -8.18 11.78 -10.92
C SER A 72 -7.09 11.05 -10.14
N THR A 73 -7.35 10.82 -8.84
CA THR A 73 -6.57 9.88 -8.02
C THR A 73 -7.51 8.74 -7.65
N ASP A 74 -6.98 7.52 -7.71
CA ASP A 74 -7.81 6.33 -7.69
C ASP A 74 -7.19 5.24 -6.87
N GLY A 75 -7.98 4.74 -5.90
CA GLY A 75 -7.53 3.71 -5.00
C GLY A 75 -8.34 2.40 -5.10
N ALA A 76 -7.76 1.37 -4.49
CA ALA A 76 -8.42 0.06 -4.38
C ALA A 76 -8.14 -0.51 -2.99
N ARG A 77 -9.12 -1.24 -2.42
CA ARG A 77 -8.90 -2.07 -1.25
C ARG A 77 -8.86 -3.56 -1.63
N GLY A 78 -8.07 -4.29 -0.86
CA GLY A 78 -8.10 -5.73 -0.80
C GLY A 78 -9.46 -6.26 -0.39
N LYS A 79 -9.74 -7.50 -0.78
CA LYS A 79 -10.99 -8.21 -0.49
C LYS A 79 -11.14 -8.54 0.99
N ARG A 80 -10.04 -8.62 1.70
CA ARG A 80 -10.07 -9.09 3.08
C ARG A 80 -9.57 -8.02 4.05
N GLY A 81 -10.36 -7.81 5.08
CA GLY A 81 -9.99 -6.88 6.14
C GLY A 81 -9.45 -7.64 7.33
N TYR A 82 -8.35 -7.15 7.89
CA TYR A 82 -7.62 -7.85 8.97
C TYR A 82 -7.79 -7.08 10.30
N SER A 83 -8.15 -7.79 11.35
CA SER A 83 -8.32 -7.19 12.69
C SER A 83 -7.44 -7.83 13.74
N ARG A 84 -6.85 -8.98 13.41
CA ARG A 84 -6.01 -9.75 14.32
C ARG A 84 -4.95 -10.47 13.49
N GLY A 85 -3.83 -10.82 14.12
CA GLY A 85 -2.80 -11.63 13.47
C GLY A 85 -1.85 -10.85 12.56
N LEU A 86 -0.91 -11.59 11.97
CA LEU A 86 0.10 -11.07 11.07
C LEU A 86 -0.32 -11.21 9.62
N HIS A 87 -0.21 -10.14 8.84
CA HIS A 87 -0.60 -10.15 7.39
C HIS A 87 0.45 -9.41 6.58
N ALA A 88 0.98 -10.03 5.54
CA ALA A 88 2.01 -9.42 4.69
C ALA A 88 1.71 -9.73 3.25
N TRP A 89 1.94 -8.74 2.41
CA TRP A 89 1.74 -8.87 0.99
C TRP A 89 2.78 -8.02 0.28
N GLU A 90 3.17 -8.50 -0.88
CA GLU A 90 4.08 -7.81 -1.73
C GLU A 90 3.29 -7.01 -2.71
N ILE A 91 3.69 -5.76 -2.85
CA ILE A 91 3.14 -4.86 -3.87
C ILE A 91 4.21 -4.68 -4.97
N SER A 92 3.80 -4.84 -6.23
CA SER A 92 4.73 -4.65 -7.35
C SER A 92 4.18 -3.51 -8.21
N TRP A 93 5.00 -2.48 -8.38
CA TRP A 93 4.50 -1.24 -8.99
C TRP A 93 5.63 -0.60 -9.77
N PRO A 94 5.63 -0.83 -11.10
CA PRO A 94 6.79 -0.35 -11.86
C PRO A 94 7.12 1.15 -11.66
N LEU A 95 8.42 1.46 -11.59
CA LEU A 95 8.87 2.81 -11.25
C LEU A 95 8.38 3.81 -12.30
N GLU A 96 8.28 3.39 -13.55
CA GLU A 96 7.84 4.27 -14.67
C GLU A 96 6.34 4.42 -14.75
N GLN A 97 5.61 3.80 -13.81
CA GLN A 97 4.16 3.84 -13.75
C GLN A 97 3.64 4.46 -12.41
N ARG A 98 4.48 5.28 -11.76
CA ARG A 98 4.13 5.91 -10.45
C ARG A 98 3.61 7.33 -10.55
N GLY A 99 4.10 8.12 -11.51
CA GLY A 99 3.63 9.51 -11.63
C GLY A 99 3.87 10.35 -10.39
N THR A 100 3.00 11.32 -10.15
CA THR A 100 3.29 12.37 -9.15
C THR A 100 2.97 11.97 -7.71
N HIS A 101 2.08 11.00 -7.53
CA HIS A 101 1.53 10.58 -6.22
C HIS A 101 1.20 9.07 -6.23
N ALA A 102 2.11 8.26 -5.66
CA ALA A 102 2.02 6.81 -5.56
C ALA A 102 2.13 6.44 -4.07
N VAL A 103 1.04 5.98 -3.48
CA VAL A 103 0.98 5.73 -2.02
C VAL A 103 0.50 4.30 -1.74
N VAL A 104 1.21 3.63 -0.83
CA VAL A 104 1.01 2.24 -0.48
C VAL A 104 0.77 2.10 1.03
N GLY A 105 -0.31 1.41 1.38
CA GLY A 105 -0.60 1.17 2.80
C GLY A 105 -1.79 0.31 3.14
N VAL A 106 -2.63 0.85 4.04
CA VAL A 106 -3.91 0.26 4.43
C VAL A 106 -4.98 1.30 4.61
N ALA A 107 -6.22 0.83 4.60
CA ALA A 107 -7.41 1.71 4.81
C ALA A 107 -8.48 0.95 5.56
N THR A 108 -9.28 1.65 6.34
CA THR A 108 -10.54 1.11 6.77
C THR A 108 -11.52 1.08 5.58
N ALA A 109 -12.69 0.46 5.78
CA ALA A 109 -13.78 0.46 4.79
C ALA A 109 -14.29 1.85 4.47
N LEU A 110 -13.98 2.83 5.32
CA LEU A 110 -14.54 4.20 5.19
C LEU A 110 -13.70 5.16 4.43
N ALA A 111 -12.45 4.82 4.14
CA ALA A 111 -11.57 5.72 3.37
C ALA A 111 -12.06 5.94 1.91
N PRO A 112 -12.04 7.20 1.43
CA PRO A 112 -12.44 7.41 0.03
C PRO A 112 -11.46 6.79 -0.98
N LEU A 113 -12.00 6.25 -2.07
CA LEU A 113 -11.23 5.61 -3.14
C LEU A 113 -10.98 6.46 -4.37
N GLN A 114 -11.63 7.63 -4.46
CA GLN A 114 -11.42 8.53 -5.56
C GLN A 114 -11.42 9.97 -5.09
N THR A 115 -10.63 10.80 -5.79
CA THR A 115 -10.80 12.26 -5.81
C THR A 115 -10.46 12.79 -7.21
N ASP A 116 -10.88 14.03 -7.51
CA ASP A 116 -10.90 14.55 -8.88
C ASP A 116 -9.78 15.57 -9.11
N HIS A 117 -8.60 15.21 -8.62
CA HIS A 117 -7.35 15.89 -8.90
C HIS A 117 -6.24 14.94 -8.49
N TYR A 118 -5.00 15.30 -8.80
CA TYR A 118 -3.89 14.43 -8.43
C TYR A 118 -3.46 14.76 -6.98
N ALA A 119 -3.44 13.73 -6.13
CA ALA A 119 -3.17 13.92 -4.70
C ALA A 119 -2.72 12.62 -4.02
N ALA A 120 -2.18 12.77 -2.80
CA ALA A 120 -1.89 11.66 -1.92
C ALA A 120 -3.13 11.21 -1.15
N LEU A 121 -4.05 10.57 -1.87
CA LEU A 121 -5.41 10.25 -1.39
C LEU A 121 -5.37 9.29 -0.20
N LEU A 122 -4.55 8.25 -0.30
CA LEU A 122 -4.29 7.34 0.80
C LEU A 122 -3.42 8.02 1.84
N GLY A 123 -3.96 8.17 3.05
CA GLY A 123 -3.36 8.89 4.18
C GLY A 123 -3.75 10.36 4.37
N SER A 124 -4.59 10.90 3.48
CA SER A 124 -5.09 12.26 3.57
C SER A 124 -6.31 12.42 4.50
N ASN A 125 -6.61 11.39 5.30
CA ASN A 125 -7.75 11.36 6.18
C ASN A 125 -7.47 10.41 7.37
N SER A 126 -8.45 10.31 8.29
CA SER A 126 -8.36 9.48 9.51
C SER A 126 -8.54 7.99 9.27
N GLU A 127 -8.87 7.61 8.03
CA GLU A 127 -9.27 6.24 7.68
C GLU A 127 -8.23 5.50 6.83
N SER A 128 -7.05 6.10 6.65
CA SER A 128 -6.04 5.51 5.81
C SER A 128 -4.61 5.89 6.29
N TRP A 129 -3.66 5.02 5.99
CA TRP A 129 -2.27 5.10 6.46
C TRP A 129 -1.40 4.65 5.29
N GLY A 130 -0.54 5.52 4.79
CA GLY A 130 0.35 5.09 3.73
C GLY A 130 1.71 5.73 3.64
N TRP A 131 2.51 5.07 2.81
CA TRP A 131 3.86 5.50 2.44
C TRP A 131 3.89 5.97 1.02
N ASP A 132 4.35 7.23 0.83
CA ASP A 132 4.56 7.82 -0.47
C ASP A 132 5.88 7.25 -0.96
N ILE A 133 5.79 6.25 -1.83
CA ILE A 133 6.98 5.54 -2.26
C ILE A 133 7.86 6.41 -3.22
N GLY A 134 7.28 7.49 -3.75
CA GLY A 134 7.97 8.48 -4.59
C GLY A 134 8.83 9.50 -3.84
N ARG A 135 8.36 9.90 -2.65
CA ARG A 135 8.95 10.97 -1.83
C ARG A 135 9.50 10.45 -0.49
N GLY A 136 9.09 9.24 -0.10
CA GLY A 136 9.47 8.65 1.20
C GLY A 136 8.77 9.16 2.46
N LYS A 137 7.61 9.79 2.31
CA LYS A 137 6.86 10.34 3.45
C LYS A 137 5.69 9.45 3.86
N LEU A 138 5.34 9.57 5.14
CA LEU A 138 4.21 8.88 5.74
C LEU A 138 3.02 9.78 5.89
N TYR A 139 1.88 9.32 5.39
CA TYR A 139 0.61 10.09 5.45
C TYR A 139 -0.44 9.35 6.28
N HIS A 140 -0.91 10.01 7.33
CA HIS A 140 -2.14 9.64 8.04
C HIS A 140 -2.73 10.99 8.50
N GLN A 141 -3.98 11.25 8.15
CA GLN A 141 -4.66 12.53 8.50
C GLN A 141 -3.84 13.70 7.94
N SER A 142 -3.18 13.48 6.81
CA SER A 142 -2.18 14.43 6.30
C SER A 142 -2.69 15.31 5.15
N LYS A 143 -2.68 16.62 5.38
CA LYS A 143 -3.22 17.60 4.42
C LYS A 143 -2.12 18.44 3.77
N GLY A 144 -1.39 19.20 4.58
CA GLY A 144 -0.38 20.13 4.06
C GLY A 144 1.01 19.55 3.88
N PRO A 145 2.01 20.42 3.70
CA PRO A 145 3.39 19.95 3.76
C PRO A 145 3.78 19.55 5.21
N GLY A 146 4.86 18.78 5.37
CA GLY A 146 5.42 18.48 6.72
C GLY A 146 5.32 17.05 7.23
N ALA A 147 4.77 16.13 6.43
CA ALA A 147 4.71 14.67 6.78
C ALA A 147 6.09 14.09 7.06
N PRO A 148 6.22 13.13 8.02
CA PRO A 148 7.55 12.58 8.31
C PRO A 148 8.17 11.68 7.24
N GLN A 149 9.49 11.56 7.27
CA GLN A 149 10.22 10.67 6.37
C GLN A 149 10.26 9.25 6.96
N TYR A 150 10.17 8.24 6.12
CA TYR A 150 10.36 6.84 6.52
C TYR A 150 11.17 6.08 5.46
N PRO A 151 12.09 5.21 5.89
CA PRO A 151 12.40 4.87 7.27
C PRO A 151 13.25 5.91 7.98
N ALA A 152 13.31 5.79 9.30
CA ALA A 152 14.20 6.58 10.15
C ALA A 152 15.64 6.05 10.01
N GLY A 153 16.58 6.74 10.63
CA GLY A 153 17.98 6.31 10.65
C GLY A 153 18.75 6.49 9.35
N THR A 154 18.26 7.34 8.46
CA THR A 154 18.91 7.56 7.16
C THR A 154 19.63 8.91 7.12
N GLN A 155 19.61 9.59 8.25
CA GLN A 155 20.17 10.94 8.39
C GLN A 155 19.47 11.90 7.42
N GLY A 156 18.18 11.69 7.21
CA GLY A 156 17.38 12.55 6.36
C GLY A 156 17.41 12.23 4.88
N GLU A 157 18.26 11.26 4.50
CA GLU A 157 18.40 10.83 3.12
C GLU A 157 17.22 9.91 2.74
N GLN A 158 16.60 10.20 1.60
CA GLN A 158 15.47 9.42 1.10
C GLN A 158 15.99 8.06 0.64
N LEU A 159 15.23 7.02 0.95
CA LEU A 159 15.54 5.68 0.50
C LEU A 159 14.64 5.47 -0.71
N GLU A 160 15.24 5.18 -1.86
CA GLU A 160 14.44 4.80 -3.06
C GLU A 160 13.78 3.43 -2.95
N VAL A 161 12.53 3.35 -3.40
CA VAL A 161 11.74 2.15 -3.28
C VAL A 161 11.76 1.47 -4.63
N PRO A 162 12.25 0.23 -4.68
CA PRO A 162 12.28 -0.45 -5.97
C PRO A 162 10.87 -0.91 -6.42
N GLU A 163 10.82 -1.62 -7.56
CA GLU A 163 9.55 -2.08 -8.07
C GLU A 163 8.70 -2.86 -7.10
N ARG A 164 9.32 -3.73 -6.31
CA ARG A 164 8.63 -4.56 -5.31
C ARG A 164 8.96 -4.14 -3.90
N LEU A 165 7.91 -4.07 -3.08
CA LEU A 165 8.06 -3.84 -1.65
C LEU A 165 7.07 -4.73 -0.89
N LEU A 166 7.40 -5.01 0.36
CA LEU A 166 6.51 -5.78 1.26
C LEU A 166 5.82 -4.85 2.23
N VAL A 167 4.53 -5.11 2.43
CA VAL A 167 3.73 -4.34 3.35
C VAL A 167 3.35 -5.32 4.46
N VAL A 168 3.59 -4.93 5.70
CA VAL A 168 3.55 -5.83 6.84
C VAL A 168 2.64 -5.22 7.92
N LEU A 169 1.49 -5.85 8.10
CA LEU A 169 0.48 -5.39 9.09
C LEU A 169 0.42 -6.34 10.26
N ASP A 170 0.85 -5.87 11.42
CA ASP A 170 0.89 -6.66 12.65
C ASP A 170 -0.26 -6.17 13.54
N MET A 171 -1.36 -6.88 13.49
CA MET A 171 -2.57 -6.50 14.23
C MET A 171 -2.60 -6.95 15.71
N GLU A 172 -1.56 -7.69 16.12
CA GLU A 172 -1.35 -8.00 17.52
C GLU A 172 -0.66 -6.85 18.25
N GLU A 173 0.32 -6.22 17.60
CA GLU A 173 0.95 -5.03 18.14
C GLU A 173 0.28 -3.74 17.66
N GLY A 174 -0.50 -3.87 16.60
CA GLY A 174 -1.18 -2.71 15.96
C GLY A 174 -0.26 -1.78 15.20
N THR A 175 0.57 -2.37 14.36
CA THR A 175 1.51 -1.62 13.55
C THR A 175 1.46 -1.96 12.07
N LEU A 176 1.87 -0.99 11.26
CA LEU A 176 2.09 -1.18 9.82
C LEU A 176 3.55 -0.77 9.54
N GLY A 177 4.25 -1.62 8.78
CA GLY A 177 5.61 -1.39 8.38
C GLY A 177 5.80 -2.02 7.01
N TYR A 178 7.03 -1.87 6.49
CA TYR A 178 7.37 -2.24 5.13
C TYR A 178 8.74 -2.90 5.14
N ALA A 179 9.01 -3.64 4.06
CA ALA A 179 10.32 -4.22 3.78
C ALA A 179 10.70 -4.07 2.36
N ILE A 180 11.98 -3.81 2.15
CA ILE A 180 12.60 -3.82 0.87
C ILE A 180 13.69 -4.87 0.87
N GLY A 181 13.70 -5.66 -0.21
CA GLY A 181 14.76 -6.67 -0.40
C GLY A 181 14.90 -7.64 0.75
N GLY A 182 13.78 -7.93 1.41
CA GLY A 182 13.78 -8.81 2.59
C GLY A 182 14.10 -8.15 3.92
N THR A 183 14.34 -6.84 3.90
CA THR A 183 14.78 -6.14 5.09
C THR A 183 13.64 -5.28 5.60
N TYR A 184 13.17 -5.60 6.79
CA TYR A 184 12.11 -4.86 7.42
C TYR A 184 12.67 -3.49 7.88
N LEU A 185 11.88 -2.45 7.62
CA LEU A 185 12.38 -1.08 7.78
C LEU A 185 11.87 -0.39 9.04
N GLY A 186 11.23 -1.19 9.90
CA GLY A 186 10.60 -0.74 11.14
C GLY A 186 9.12 -0.42 11.05
N PRO A 187 8.46 -0.29 12.22
CA PRO A 187 7.07 0.12 12.18
C PRO A 187 7.00 1.56 11.68
N ALA A 188 6.10 1.82 10.74
CA ALA A 188 5.83 3.15 10.20
C ALA A 188 4.71 3.83 10.97
N PHE A 189 3.66 3.06 11.24
CA PHE A 189 2.50 3.49 12.02
C PHE A 189 2.17 2.53 13.18
N ARG A 190 1.69 3.11 14.29
CA ARG A 190 1.21 2.36 15.45
C ARG A 190 -0.22 2.79 15.76
N GLY A 191 -0.80 2.19 16.79
CA GLY A 191 -2.13 2.57 17.28
C GLY A 191 -3.24 2.00 16.39
N LEU A 192 -2.96 0.89 15.72
CA LEU A 192 -3.93 0.27 14.79
C LEU A 192 -4.88 -0.81 15.41
N LYS A 193 -4.60 -1.24 16.63
CA LYS A 193 -5.38 -2.29 17.26
C LYS A 193 -6.86 -1.89 17.37
N GLY A 194 -7.77 -2.85 17.24
CA GLY A 194 -9.21 -2.56 17.35
C GLY A 194 -9.85 -2.19 16.01
N ARG A 195 -9.03 -2.01 14.97
CA ARG A 195 -9.56 -1.66 13.65
C ARG A 195 -9.56 -2.87 12.73
N THR A 196 -10.26 -2.74 11.60
CA THR A 196 -10.28 -3.73 10.54
C THR A 196 -9.73 -3.02 9.35
N LEU A 197 -8.57 -3.51 8.89
CA LEU A 197 -7.76 -2.80 7.91
C LEU A 197 -7.51 -3.63 6.65
N TYR A 198 -7.66 -2.99 5.49
CA TYR A 198 -7.56 -3.62 4.16
C TYR A 198 -6.31 -3.15 3.44
N PRO A 199 -5.61 -4.05 2.70
CA PRO A 199 -4.59 -3.57 1.82
C PRO A 199 -5.15 -2.45 0.92
N ALA A 200 -4.36 -1.42 0.67
CA ALA A 200 -4.77 -0.27 -0.14
C ALA A 200 -3.60 0.43 -0.83
N VAL A 201 -3.88 1.01 -2.00
CA VAL A 201 -2.96 1.97 -2.66
C VAL A 201 -3.80 3.09 -3.24
N SER A 202 -3.18 4.25 -3.49
CA SER A 202 -3.80 5.29 -4.32
C SER A 202 -2.82 5.67 -5.45
N ALA A 203 -3.35 5.83 -6.66
CA ALA A 203 -2.57 5.91 -7.91
C ALA A 203 -3.18 7.01 -8.83
N VAL A 204 -2.29 7.64 -9.59
CA VAL A 204 -2.62 8.69 -10.55
C VAL A 204 -2.14 8.45 -12.00
N TRP A 205 -1.38 7.37 -12.23
CA TRP A 205 -0.72 7.18 -13.51
C TRP A 205 -1.62 6.38 -14.48
N GLY A 206 -1.78 6.91 -15.67
CA GLY A 206 -2.57 6.33 -16.73
C GLY A 206 -1.98 4.99 -17.17
N GLN A 207 -2.81 3.96 -17.09
CA GLN A 207 -2.46 2.57 -17.39
C GLN A 207 -1.46 1.91 -16.45
N CYS A 208 -1.27 2.45 -15.23
CA CYS A 208 -0.41 1.75 -14.30
C CYS A 208 -1.02 0.38 -13.95
N GLN A 209 -0.16 -0.61 -13.72
CA GLN A 209 -0.57 -1.94 -13.25
C GLN A 209 0.08 -2.21 -11.93
N VAL A 210 -0.75 -2.32 -10.89
CA VAL A 210 -0.28 -2.52 -9.52
C VAL A 210 -0.72 -3.93 -9.05
N ARG A 211 0.28 -4.78 -8.78
CA ARG A 211 0.11 -6.17 -8.39
C ARG A 211 0.19 -6.32 -6.86
N ILE A 212 -0.65 -7.22 -6.34
CA ILE A 212 -0.63 -7.60 -4.94
C ILE A 212 -0.45 -9.12 -4.82
N ARG A 213 0.52 -9.54 -4.01
CA ARG A 213 0.81 -10.97 -3.76
C ARG A 213 0.77 -11.21 -2.24
N TYR A 214 -0.36 -11.71 -1.80
CA TYR A 214 -0.55 -11.99 -0.40
C TYR A 214 0.32 -13.18 0.03
N LEU A 215 1.04 -13.01 1.14
CA LEU A 215 1.99 -14.06 1.56
C LEU A 215 1.57 -14.85 2.83
N GLY A 216 0.51 -14.41 3.49
CA GLY A 216 0.09 -14.96 4.78
C GLY A 216 -0.13 -13.86 5.84
N GLU A 217 -0.62 -14.24 7.01
CA GLU A 217 -0.86 -15.65 7.32
C GLU A 217 -2.27 -16.04 6.90
N ASP B 1 -0.99 13.71 -20.32
CA ASP B 1 -0.48 14.77 -19.44
C ASP B 1 0.68 14.26 -18.56
N ILE B 2 0.97 14.97 -17.47
CA ILE B 2 2.13 14.68 -16.63
C ILE B 2 2.06 13.27 -16.05
N ASN B 3 0.85 12.76 -15.86
CA ASN B 3 0.57 11.45 -15.26
C ASN B 3 0.06 10.41 -16.28
N ASN B 4 0.38 10.63 -17.56
CA ASN B 4 0.04 9.67 -18.65
C ASN B 4 -1.47 9.49 -18.85
N ASN B 5 -2.20 10.57 -18.56
CA ASN B 5 -3.63 10.62 -18.69
C ASN B 5 -4.05 11.47 -19.89
N ASN B 6 -5.22 11.13 -20.45
CA ASN B 6 -5.77 11.78 -21.64
C ASN B 6 -6.70 12.91 -21.20
N ASN B 7 -6.28 14.15 -21.41
CA ASN B 7 -7.12 15.32 -21.10
C ASN B 7 -8.07 15.61 -22.24
#